data_5C55
#
_entry.id   5C55
#
_cell.length_a   55.893
_cell.length_b   149.959
_cell.length_c   143.444
_cell.angle_alpha   90.000
_cell.angle_beta   90.000
_cell.angle_gamma   90.000
#
_symmetry.space_group_name_H-M   'C 2 2 21'
#
loop_
_entity.id
_entity.type
_entity.pdbx_description
1 polymer 'Dihydrodipicolinate synthase/N-acetylneuraminate lyase'
2 non-polymer 'PYRUVIC ACID'
3 non-polymer 1,2-ETHANEDIOL
4 non-polymer 'ACETATE ION'
5 non-polymer GLYCEROL
6 water water
#
_entity_poly.entity_id   1
_entity_poly.type   'polypeptide(L)'
_entity_poly.pdbx_seq_one_letter_code
;MASATFTGVIPPVMTPLHADGSVDVESLRKLVDHLINGGVDGLFALGSSGEAAFLTRAQRKLALTTIIEHTAGRVPVTAG
VIETTTARVIELVEDALEAGAEGLVATAPFYTRTHDVEIEEHFRKIHAAAPELPLFAFNIPVSVHSNLNPVMLLTLAKDG
VLAGTKDSSGNDGAIRSLIEARDDAGLTEQFKILTGSETTVDFAYLAGADGVVPGLGNVDPAAYAALAKLCLDGKWAEAA
ALQKRINHLFHIVFVGDTSHMSGSSAGLGGFKTALAHLGIIESNAMAVPHQSLSDEETARIHAIVDEFLYTA
;
_entity_poly.pdbx_strand_id   A,B
#
# COMPACT_ATOMS: atom_id res chain seq x y z
N THR A 5 11.52 26.44 -3.88
CA THR A 5 11.12 26.07 -5.27
C THR A 5 9.61 25.78 -5.30
N PHE A 6 9.15 24.91 -4.39
CA PHE A 6 7.78 24.42 -4.42
C PHE A 6 6.86 25.11 -3.44
N THR A 7 6.39 26.27 -3.86
CA THR A 7 5.38 27.01 -3.17
C THR A 7 4.31 27.47 -4.16
N GLY A 8 3.19 27.93 -3.63
CA GLY A 8 2.08 28.27 -4.42
C GLY A 8 1.12 27.20 -4.82
N VAL A 9 0.46 27.41 -5.97
CA VAL A 9 -0.56 26.48 -6.45
C VAL A 9 0.10 25.40 -7.29
N ILE A 10 0.08 24.17 -6.78
CA ILE A 10 0.82 23.08 -7.39
C ILE A 10 -0.15 21.87 -7.53
N PRO A 11 -0.91 21.80 -8.61
CA PRO A 11 -1.89 20.68 -8.70
C PRO A 11 -1.21 19.31 -8.82
N PRO A 12 -1.89 18.30 -8.28
CA PRO A 12 -1.46 16.92 -8.48
C PRO A 12 -2.06 16.51 -9.83
N VAL A 13 -1.20 16.51 -10.87
CA VAL A 13 -1.64 16.28 -12.21
C VAL A 13 -2.31 14.89 -12.35
N MET A 14 -3.44 14.85 -13.04
CA MET A 14 -4.16 13.62 -13.33
C MET A 14 -3.46 12.87 -14.44
N THR A 15 -3.79 11.59 -14.60
CA THR A 15 -3.31 10.82 -15.73
C THR A 15 -4.49 10.44 -16.61
N PRO A 16 -4.66 11.19 -17.67
CA PRO A 16 -5.66 10.75 -18.65
C PRO A 16 -5.32 9.42 -19.21
N LEU A 17 -6.37 8.61 -19.48
CA LEU A 17 -6.21 7.24 -19.97
C LEU A 17 -7.06 7.04 -21.21
N HIS A 18 -6.65 6.05 -22.00
CA HIS A 18 -7.55 5.49 -23.02
C HIS A 18 -8.35 4.32 -22.45
N ALA A 19 -9.35 3.87 -23.22
CA ALA A 19 -10.22 2.82 -22.73
C ALA A 19 -9.51 1.48 -22.51
N ASP A 20 -8.34 1.28 -23.14
CA ASP A 20 -7.53 0.13 -22.89
C ASP A 20 -6.69 0.18 -21.64
N GLY A 21 -6.80 1.28 -20.89
CA GLY A 21 -6.06 1.52 -19.68
C GLY A 21 -4.65 2.03 -19.87
N SER A 22 -4.27 2.44 -21.10
CA SER A 22 -2.94 3.00 -21.35
C SER A 22 -3.00 4.50 -21.10
N VAL A 23 -1.84 5.09 -20.83
CA VAL A 23 -1.69 6.53 -20.66
C VAL A 23 -2.01 7.21 -21.98
N ASP A 24 -2.90 8.20 -21.93
CA ASP A 24 -3.26 9.07 -23.05
C ASP A 24 -2.28 10.25 -22.97
N VAL A 25 -1.17 10.09 -23.68
CA VAL A 25 -0.08 11.00 -23.71
C VAL A 25 -0.51 12.33 -24.31
N GLU A 26 -1.28 12.32 -25.42
CA GLU A 26 -1.66 13.59 -26.05
C GLU A 26 -2.61 14.33 -25.14
N SER A 27 -3.51 13.63 -24.46
CA SER A 27 -4.43 14.32 -23.48
C SER A 27 -3.61 14.87 -22.29
N LEU A 28 -2.59 14.13 -21.88
CA LEU A 28 -1.74 14.53 -20.74
C LEU A 28 -1.02 15.84 -21.09
N ARG A 29 -0.51 15.89 -22.30
CA ARG A 29 0.11 17.16 -22.78
C ARG A 29 -0.86 18.28 -22.74
N LYS A 30 -2.08 18.10 -23.24
CA LYS A 30 -3.08 19.19 -23.26
C LYS A 30 -3.43 19.63 -21.82
N LEU A 31 -3.53 18.63 -20.92
CA LEU A 31 -3.79 18.94 -19.48
C LEU A 31 -2.69 19.79 -18.90
N VAL A 32 -1.44 19.44 -19.16
CA VAL A 32 -0.27 20.23 -18.73
C VAL A 32 -0.42 21.68 -19.18
N ASP A 33 -0.74 21.87 -20.45
CA ASP A 33 -0.99 23.26 -20.95
C ASP A 33 -2.12 23.95 -20.26
N HIS A 34 -3.24 23.26 -20.02
CA HIS A 34 -4.35 23.79 -19.30
C HIS A 34 -3.95 24.32 -17.93
N LEU A 35 -3.13 23.54 -17.22
CA LEU A 35 -2.68 23.89 -15.85
C LEU A 35 -1.76 25.12 -15.91
N ILE A 36 -0.78 25.06 -16.81
CA ILE A 36 0.23 26.11 -16.90
C ILE A 36 -0.43 27.37 -17.36
N ASN A 37 -1.29 27.28 -18.36
CA ASN A 37 -1.98 28.48 -18.83
C ASN A 37 -2.98 29.01 -17.82
N GLY A 38 -3.40 28.16 -16.88
CA GLY A 38 -4.30 28.61 -15.87
C GLY A 38 -3.60 29.35 -14.72
N GLY A 39 -2.28 29.43 -14.75
CA GLY A 39 -1.52 30.21 -13.83
C GLY A 39 -0.96 29.50 -12.65
N VAL A 40 -0.82 28.15 -12.70
CA VAL A 40 -0.23 27.48 -11.60
C VAL A 40 1.26 27.75 -11.45
N ASP A 41 1.78 27.48 -10.28
CA ASP A 41 3.17 27.73 -9.91
C ASP A 41 4.10 26.56 -10.02
N GLY A 42 3.53 25.36 -10.17
CA GLY A 42 4.31 24.14 -10.24
C GLY A 42 3.36 22.98 -10.52
N LEU A 43 3.92 21.83 -10.80
CA LEU A 43 3.16 20.58 -11.04
C LEU A 43 3.70 19.47 -10.13
N PHE A 44 2.76 18.69 -9.55
CA PHE A 44 3.13 17.49 -8.77
C PHE A 44 2.65 16.30 -9.62
N ALA A 45 3.62 15.60 -10.20
CA ALA A 45 3.34 14.41 -11.01
C ALA A 45 3.35 13.21 -10.13
N LEU A 46 2.45 12.29 -10.44
CA LEU A 46 2.45 10.94 -9.76
C LEU A 46 2.00 11.02 -8.30
N GLY A 47 1.01 11.87 -8.04
CA GLY A 47 0.32 11.87 -6.77
C GLY A 47 -0.87 10.94 -6.77
N SER A 48 -1.69 10.97 -5.70
CA SER A 48 -2.90 10.18 -5.66
C SER A 48 -3.88 10.59 -6.76
N SER A 49 -4.08 11.87 -7.02
CA SER A 49 -4.97 12.32 -8.05
C SER A 49 -4.47 11.91 -9.46
N GLY A 50 -3.19 11.65 -9.57
CA GLY A 50 -2.56 11.07 -10.77
C GLY A 50 -2.78 9.59 -10.98
N GLU A 51 -3.50 8.96 -10.08
CA GLU A 51 -3.73 7.50 -10.14
C GLU A 51 -2.39 6.73 -10.05
N ALA A 52 -1.41 7.31 -9.36
CA ALA A 52 -0.13 6.66 -9.18
C ALA A 52 -0.26 5.25 -8.62
N ALA A 53 -1.23 5.03 -7.74
CA ALA A 53 -1.36 3.67 -7.14
C ALA A 53 -1.91 2.66 -8.13
N PHE A 54 -2.42 3.14 -9.25
CA PHE A 54 -3.06 2.31 -10.29
C PHE A 54 -2.11 2.08 -11.50
N LEU A 55 -1.18 2.98 -11.71
CA LEU A 55 -0.26 2.92 -12.87
C LEU A 55 0.88 1.93 -12.52
N THR A 56 1.34 1.21 -13.54
CA THR A 56 2.53 0.40 -13.37
C THR A 56 3.74 1.33 -13.30
N ARG A 57 4.85 0.82 -12.81
CA ARG A 57 6.12 1.60 -12.77
C ARG A 57 6.52 2.18 -14.14
N ALA A 58 6.37 1.38 -15.20
CA ALA A 58 6.60 1.87 -16.57
C ALA A 58 5.65 2.99 -16.97
N GLN A 59 4.38 2.86 -16.61
CA GLN A 59 3.39 3.88 -16.94
C GLN A 59 3.68 5.13 -16.16
N ARG A 60 4.11 4.99 -14.89
CA ARG A 60 4.46 6.19 -14.10
C ARG A 60 5.59 6.97 -14.77
N LYS A 61 6.59 6.22 -15.23
CA LYS A 61 7.75 6.85 -15.86
C LYS A 61 7.35 7.59 -17.13
N LEU A 62 6.45 6.99 -17.92
CA LEU A 62 5.93 7.66 -19.12
C LEU A 62 5.18 8.92 -18.78
N ALA A 63 4.27 8.83 -17.79
CA ALA A 63 3.54 10.04 -17.42
C ALA A 63 4.47 11.12 -16.93
N LEU A 64 5.43 10.75 -16.10
CA LEU A 64 6.33 11.75 -15.49
C LEU A 64 7.17 12.42 -16.61
N THR A 65 7.74 11.59 -17.50
CA THR A 65 8.52 12.14 -18.62
C THR A 65 7.72 12.99 -19.55
N THR A 66 6.48 12.57 -19.83
CA THR A 66 5.57 13.36 -20.63
C THR A 66 5.33 14.76 -20.01
N ILE A 67 5.02 14.78 -18.71
CA ILE A 67 4.80 16.07 -18.01
C ILE A 67 6.04 16.97 -18.04
N ILE A 68 7.19 16.41 -17.71
CA ILE A 68 8.47 17.15 -17.66
C ILE A 68 8.82 17.73 -19.04
N GLU A 69 8.72 16.87 -20.05
CA GLU A 69 9.13 17.24 -21.43
C GLU A 69 8.19 18.27 -21.94
N HIS A 70 6.89 18.10 -21.74
CA HIS A 70 5.95 19.06 -22.23
C HIS A 70 5.93 20.39 -21.49
N THR A 71 6.22 20.36 -20.22
CA THR A 71 6.26 21.57 -19.39
C THR A 71 7.38 22.51 -19.93
N ALA A 72 8.43 21.87 -20.35
CA ALA A 72 9.52 22.59 -21.07
C ALA A 72 10.08 23.71 -20.18
N GLY A 73 10.30 23.40 -18.91
CA GLY A 73 10.77 24.42 -17.96
C GLY A 73 9.88 25.58 -17.55
N ARG A 74 8.62 25.66 -18.00
CA ARG A 74 7.73 26.73 -17.69
C ARG A 74 7.40 26.87 -16.20
N VAL A 75 7.24 25.72 -15.52
CA VAL A 75 7.08 25.72 -14.09
C VAL A 75 7.84 24.49 -13.58
N PRO A 76 8.19 24.47 -12.29
CA PRO A 76 8.92 23.31 -11.80
C PRO A 76 7.99 22.10 -11.56
N VAL A 77 8.57 20.92 -11.72
CA VAL A 77 7.83 19.63 -11.61
C VAL A 77 8.42 18.82 -10.46
N THR A 78 7.55 18.42 -9.50
CA THR A 78 7.94 17.48 -8.48
C THR A 78 7.33 16.09 -8.72
N ALA A 79 8.04 15.05 -8.37
CA ALA A 79 7.60 13.67 -8.61
C ALA A 79 7.28 12.88 -7.39
N GLY A 80 6.08 12.30 -7.37
CA GLY A 80 5.73 11.34 -6.35
C GLY A 80 6.55 10.04 -6.52
N VAL A 81 6.97 9.49 -5.39
CA VAL A 81 7.69 8.24 -5.35
C VAL A 81 6.98 7.36 -4.33
N ILE A 82 5.69 7.18 -4.56
CA ILE A 82 4.84 6.45 -3.61
C ILE A 82 4.93 4.94 -3.80
N GLU A 83 5.39 4.27 -2.76
CA GLU A 83 5.55 2.83 -2.72
C GLU A 83 5.58 2.39 -1.28
N THR A 84 5.41 1.08 -1.02
CA THR A 84 5.17 0.63 0.33
C THR A 84 6.36 0.85 1.27
N THR A 85 7.59 0.65 0.80
CA THR A 85 8.78 0.69 1.70
C THR A 85 10.00 1.20 1.01
N THR A 86 11.02 1.48 1.80
CA THR A 86 12.17 2.25 1.33
C THR A 86 12.83 1.81 0.05
N ALA A 87 13.13 0.51 -0.07
CA ALA A 87 13.89 0.06 -1.23
C ALA A 87 13.08 0.28 -2.50
N ARG A 88 11.77 0.08 -2.41
CA ARG A 88 10.89 0.24 -3.54
C ARG A 88 10.74 1.71 -3.90
N VAL A 89 10.71 2.57 -2.89
CA VAL A 89 10.65 3.99 -3.14
C VAL A 89 11.94 4.46 -3.88
N ILE A 90 13.07 4.00 -3.37
CA ILE A 90 14.37 4.40 -3.94
C ILE A 90 14.51 3.97 -5.43
N GLU A 91 13.93 2.84 -5.82
CA GLU A 91 13.85 2.55 -7.27
C GLU A 91 13.16 3.70 -8.05
N LEU A 92 12.08 4.27 -7.49
CA LEU A 92 11.31 5.26 -8.13
C LEU A 92 12.04 6.60 -8.11
N VAL A 93 12.88 6.80 -7.11
CA VAL A 93 13.68 8.02 -7.04
C VAL A 93 14.70 7.96 -8.20
N GLU A 94 15.22 6.79 -8.49
CA GLU A 94 16.12 6.57 -9.66
C GLU A 94 15.42 6.95 -10.94
N ASP A 95 14.19 6.45 -11.09
CA ASP A 95 13.34 6.80 -12.20
C ASP A 95 13.11 8.30 -12.30
N ALA A 96 12.81 8.91 -11.15
CA ALA A 96 12.56 10.38 -11.19
C ALA A 96 13.80 11.18 -11.60
N LEU A 97 14.93 10.77 -11.09
CA LEU A 97 16.21 11.42 -11.47
C LEU A 97 16.46 11.34 -12.96
N GLU A 98 16.22 10.18 -13.51
CA GLU A 98 16.43 9.89 -14.92
C GLU A 98 15.51 10.74 -15.76
N ALA A 99 14.29 10.98 -15.29
CA ALA A 99 13.33 11.83 -15.99
C ALA A 99 13.57 13.29 -15.87
N GLY A 100 14.40 13.72 -14.93
CA GLY A 100 14.71 15.11 -14.73
C GLY A 100 13.77 15.86 -13.75
N ALA A 101 13.20 15.12 -12.82
CA ALA A 101 12.35 15.74 -11.78
C ALA A 101 13.13 16.74 -10.95
N GLU A 102 12.42 17.77 -10.47
CA GLU A 102 13.01 18.84 -9.67
C GLU A 102 12.68 18.74 -8.18
N GLY A 103 11.92 17.70 -7.80
CA GLY A 103 11.57 17.54 -6.42
C GLY A 103 11.06 16.11 -6.27
N LEU A 104 10.93 15.71 -5.04
CA LEU A 104 10.39 14.36 -4.71
C LEU A 104 9.29 14.52 -3.68
N VAL A 105 8.31 13.59 -3.69
CA VAL A 105 7.22 13.61 -2.70
C VAL A 105 7.04 12.14 -2.28
N ALA A 106 7.25 11.89 -1.01
CA ALA A 106 7.16 10.52 -0.44
C ALA A 106 6.26 10.48 0.76
N THR A 107 5.64 9.33 0.99
CA THR A 107 4.81 9.13 2.18
C THR A 107 5.61 8.25 3.16
N ALA A 108 5.03 8.06 4.32
CA ALA A 108 5.48 6.97 5.23
C ALA A 108 5.38 5.62 4.56
N PRO A 109 6.08 4.63 5.10
CA PRO A 109 5.80 3.24 4.69
C PRO A 109 4.35 2.86 4.91
N PHE A 110 3.88 1.91 4.12
CA PHE A 110 2.50 1.44 4.21
C PHE A 110 2.41 -0.02 3.79
N TYR A 111 1.21 -0.57 4.00
CA TYR A 111 0.96 -2.03 3.98
C TYR A 111 1.57 -2.59 5.28
N THR A 112 2.87 -2.54 5.41
CA THR A 112 3.50 -2.82 6.65
C THR A 112 3.10 -1.90 7.80
N ARG A 113 3.14 -2.47 9.00
CA ARG A 113 3.11 -1.74 10.27
C ARG A 113 4.39 -0.92 10.34
N THR A 114 4.25 0.29 10.84
CA THR A 114 5.43 1.16 10.90
C THR A 114 5.52 1.83 12.26
N HIS A 115 6.42 2.78 12.40
CA HIS A 115 6.72 3.39 13.70
C HIS A 115 7.39 4.68 13.32
N ASP A 116 7.22 5.72 14.12
CA ASP A 116 7.94 6.99 13.88
C ASP A 116 9.45 6.85 13.68
N VAL A 117 10.09 5.91 14.40
CA VAL A 117 11.53 5.71 14.25
C VAL A 117 11.85 5.27 12.82
N GLU A 118 11.00 4.37 12.31
CA GLU A 118 11.19 3.73 11.00
C GLU A 118 10.79 4.70 9.90
N ILE A 119 9.74 5.50 10.14
CA ILE A 119 9.39 6.57 9.24
C ILE A 119 10.57 7.56 9.06
N GLU A 120 11.21 7.92 10.17
CA GLU A 120 12.33 8.82 10.11
C GLU A 120 13.48 8.27 9.30
N GLU A 121 13.84 7.01 9.54
CA GLU A 121 14.90 6.37 8.81
C GLU A 121 14.57 6.34 7.29
N HIS A 122 13.34 5.95 6.99
CA HIS A 122 12.80 5.93 5.61
C HIS A 122 13.04 7.27 4.88
N PHE A 123 12.61 8.39 5.46
CA PHE A 123 12.86 9.71 4.84
C PHE A 123 14.35 10.03 4.67
N ARG A 124 15.15 9.65 5.66
CA ARG A 124 16.59 9.93 5.64
C ARG A 124 17.22 9.18 4.49
N LYS A 125 16.79 7.93 4.23
CA LYS A 125 17.38 7.13 3.19
C LYS A 125 16.94 7.58 1.84
N ILE A 126 15.70 8.03 1.73
CA ILE A 126 15.21 8.54 0.46
C ILE A 126 15.97 9.84 0.06
N HIS A 127 16.13 10.73 1.03
CA HIS A 127 16.90 11.99 0.82
C HIS A 127 18.36 11.66 0.39
N ALA A 128 18.98 10.70 1.06
CA ALA A 128 20.35 10.30 0.72
C ALA A 128 20.50 9.79 -0.72
N ALA A 129 19.44 9.21 -1.29
CA ALA A 129 19.42 8.80 -2.70
C ALA A 129 19.37 9.92 -3.70
N ALA A 130 18.97 11.10 -3.28
CA ALA A 130 18.86 12.25 -4.17
C ALA A 130 18.96 13.52 -3.37
N PRO A 131 20.15 13.77 -2.81
CA PRO A 131 20.26 14.80 -1.84
C PRO A 131 20.11 16.22 -2.40
N GLU A 132 20.23 16.37 -3.69
CA GLU A 132 20.11 17.69 -4.33
C GLU A 132 18.66 18.08 -4.68
N LEU A 133 17.73 17.13 -4.54
CA LEU A 133 16.34 17.42 -4.82
C LEU A 133 15.63 17.68 -3.48
N PRO A 134 14.76 18.69 -3.46
CA PRO A 134 13.89 18.93 -2.29
C PRO A 134 12.94 17.75 -2.10
N LEU A 135 12.94 17.16 -0.91
CA LEU A 135 12.03 16.08 -0.57
C LEU A 135 10.90 16.61 0.30
N PHE A 136 9.67 16.35 -0.12
CA PHE A 136 8.49 16.72 0.66
C PHE A 136 7.84 15.46 1.21
N ALA A 137 7.41 15.49 2.47
CA ALA A 137 6.68 14.38 3.09
C ALA A 137 5.18 14.60 2.89
N PHE A 138 4.50 13.59 2.35
CA PHE A 138 3.13 13.69 2.02
C PHE A 138 2.37 13.00 3.15
N ASN A 139 1.59 13.76 3.92
CA ASN A 139 0.83 13.27 5.03
C ASN A 139 -0.57 12.91 4.55
N ILE A 140 -0.85 11.61 4.41
CA ILE A 140 -2.14 11.16 3.81
C ILE A 140 -2.66 9.98 4.60
N PRO A 141 -3.09 10.26 5.83
CA PRO A 141 -3.47 9.14 6.70
C PRO A 141 -4.54 8.23 6.12
N VAL A 142 -5.42 8.75 5.27
CA VAL A 142 -6.50 7.94 4.74
C VAL A 142 -6.00 6.80 3.85
N SER A 143 -4.81 7.00 3.27
CA SER A 143 -4.20 6.02 2.38
C SER A 143 -3.09 5.23 3.03
N VAL A 144 -2.29 5.87 3.88
CA VAL A 144 -1.21 5.10 4.51
C VAL A 144 -1.46 4.66 5.93
N HIS A 145 -2.49 5.22 6.59
CA HIS A 145 -2.85 4.78 7.94
C HIS A 145 -1.76 4.98 8.99
N SER A 146 -1.04 6.07 8.83
CA SER A 146 -0.14 6.61 9.85
C SER A 146 -0.31 8.11 9.74
N ASN A 147 -0.08 8.84 10.83
CA ASN A 147 -0.04 10.33 10.76
C ASN A 147 1.40 10.72 10.97
N LEU A 148 1.92 11.61 10.14
CA LEU A 148 3.30 12.01 10.24
C LEU A 148 3.43 12.90 11.50
N ASN A 149 4.36 12.53 12.36
CA ASN A 149 4.59 13.26 13.62
C ASN A 149 5.24 14.62 13.35
N PRO A 150 4.62 15.69 13.80
CA PRO A 150 5.13 17.01 13.46
C PRO A 150 6.47 17.31 14.05
N VAL A 151 6.78 16.72 15.22
CA VAL A 151 8.11 16.90 15.84
C VAL A 151 9.21 16.29 14.99
N MET A 152 8.92 15.10 14.48
CA MET A 152 9.77 14.41 13.52
C MET A 152 9.97 15.21 12.26
N LEU A 153 8.88 15.77 11.73
CA LEU A 153 8.99 16.54 10.51
C LEU A 153 9.93 17.74 10.67
N LEU A 154 9.79 18.41 11.81
CA LEU A 154 10.63 19.63 12.03
C LEU A 154 12.09 19.28 12.31
N THR A 155 12.35 18.20 13.00
CA THR A 155 13.72 17.70 13.19
C THR A 155 14.35 17.40 11.84
N LEU A 156 13.59 16.72 10.96
CA LEU A 156 14.15 16.42 9.64
C LEU A 156 14.38 17.71 8.80
N ALA A 157 13.49 18.63 8.98
CA ALA A 157 13.64 19.94 8.30
C ALA A 157 14.97 20.66 8.74
N LYS A 158 15.15 20.66 10.03
CA LYS A 158 16.37 21.23 10.67
C LYS A 158 17.61 20.53 10.09
N ASP A 159 17.53 19.19 9.96
CA ASP A 159 18.62 18.39 9.43
C ASP A 159 18.82 18.47 7.90
N GLY A 160 17.98 19.21 7.19
CA GLY A 160 18.07 19.35 5.77
C GLY A 160 17.56 18.10 5.02
N VAL A 161 16.89 17.19 5.72
CA VAL A 161 16.36 15.98 5.06
C VAL A 161 15.04 16.24 4.30
N LEU A 162 14.13 17.00 4.92
CA LEU A 162 12.86 17.42 4.29
C LEU A 162 12.82 18.91 4.00
N ALA A 163 12.32 19.25 2.82
CA ALA A 163 12.13 20.63 2.36
C ALA A 163 10.75 21.19 2.65
N GLY A 164 9.87 20.28 3.03
CA GLY A 164 8.47 20.57 3.24
C GLY A 164 7.55 19.40 3.41
N THR A 165 6.24 19.69 3.53
CA THR A 165 5.21 18.70 3.62
C THR A 165 3.98 19.15 2.77
N LYS A 166 3.29 18.14 2.17
CA LYS A 166 2.01 18.32 1.52
CA LYS A 166 1.95 18.31 1.54
C LYS A 166 1.07 17.60 2.50
N ASP A 167 0.14 18.32 3.07
CA ASP A 167 -0.69 17.74 4.15
C ASP A 167 -2.10 17.54 3.70
N SER A 168 -2.48 16.29 3.50
CA SER A 168 -3.82 15.92 3.11
C SER A 168 -4.57 15.19 4.22
N SER A 169 -4.28 15.50 5.46
CA SER A 169 -5.02 14.94 6.56
C SER A 169 -6.44 15.50 6.68
N GLY A 170 -6.74 16.68 6.11
CA GLY A 170 -8.07 17.28 6.30
C GLY A 170 -8.22 17.90 7.67
N ASN A 171 -7.14 17.97 8.44
CA ASN A 171 -7.18 18.54 9.77
C ASN A 171 -6.50 19.92 9.78
N ASP A 172 -7.29 20.95 9.57
CA ASP A 172 -6.83 22.33 9.48
C ASP A 172 -6.21 22.78 10.82
N GLY A 173 -6.79 22.38 11.96
CA GLY A 173 -6.18 22.72 13.25
C GLY A 173 -4.78 22.14 13.41
N ALA A 174 -4.60 20.86 12.96
CA ALA A 174 -3.26 20.25 12.99
C ALA A 174 -2.28 20.95 12.06
N ILE A 175 -2.73 21.33 10.86
CA ILE A 175 -1.81 21.96 9.92
C ILE A 175 -1.43 23.33 10.50
N ARG A 176 -2.41 24.00 11.15
CA ARG A 176 -2.15 25.34 11.73
C ARG A 176 -1.10 25.23 12.87
N SER A 177 -1.25 24.20 13.70
CA SER A 177 -0.31 23.96 14.84
C SER A 177 1.08 23.68 14.27
N LEU A 178 1.17 22.96 13.17
CA LEU A 178 2.43 22.70 12.54
C LEU A 178 3.09 23.95 11.99
N ILE A 179 2.32 24.82 11.35
CA ILE A 179 2.84 26.09 10.85
C ILE A 179 3.36 26.91 12.04
N GLU A 180 2.54 27.00 13.09
CA GLU A 180 2.99 27.78 14.29
C GLU A 180 4.28 27.24 14.89
N ALA A 181 4.37 25.92 15.02
CA ALA A 181 5.52 25.30 15.57
C ALA A 181 6.75 25.51 14.68
N ARG A 182 6.54 25.42 13.37
CA ARG A 182 7.66 25.66 12.43
C ARG A 182 8.20 27.12 12.60
N ASP A 183 7.26 28.04 12.68
CA ASP A 183 7.60 29.47 12.76
C ASP A 183 8.31 29.75 14.09
N ASP A 184 7.78 29.16 15.16
CA ASP A 184 8.41 29.22 16.51
C ASP A 184 9.80 28.68 16.60
N ALA A 185 10.10 27.63 15.81
CA ALA A 185 11.38 27.04 15.73
C ALA A 185 12.35 27.77 14.81
N GLY A 186 11.88 28.79 14.11
CA GLY A 186 12.69 29.51 13.15
C GLY A 186 12.94 28.81 11.84
N LEU A 187 12.05 27.88 11.49
CA LEU A 187 12.19 27.02 10.33
C LEU A 187 11.30 27.43 9.16
N THR A 188 10.79 28.65 9.18
CA THR A 188 9.84 29.16 8.18
C THR A 188 10.32 28.96 6.75
N GLU A 189 11.56 29.33 6.47
CA GLU A 189 12.09 29.25 5.09
C GLU A 189 12.54 27.84 4.71
N GLN A 190 12.91 27.06 5.71
CA GLN A 190 13.49 25.75 5.49
C GLN A 190 12.42 24.69 5.25
N PHE A 191 11.15 24.99 5.54
CA PHE A 191 10.17 23.86 5.58
C PHE A 191 8.84 24.36 5.06
N LYS A 192 8.56 24.11 3.78
CA LYS A 192 7.37 24.64 3.20
C LYS A 192 6.17 23.78 3.53
N ILE A 193 5.07 24.38 3.89
CA ILE A 193 3.86 23.67 4.26
C ILE A 193 2.73 23.97 3.29
N LEU A 194 2.36 22.95 2.52
CA LEU A 194 1.35 23.04 1.52
C LEU A 194 0.15 22.19 1.92
N THR A 195 -1.04 22.76 1.77
CA THR A 195 -2.25 22.03 2.11
C THR A 195 -2.71 21.20 0.95
N GLY A 196 -3.16 19.97 1.21
CA GLY A 196 -3.92 19.28 0.18
C GLY A 196 -5.39 19.49 0.10
N SER A 197 -5.88 20.40 0.92
CA SER A 197 -7.28 20.72 0.94
C SER A 197 -7.74 21.33 -0.32
N GLU A 198 -8.92 20.94 -0.77
CA GLU A 198 -9.47 21.66 -1.90
C GLU A 198 -10.46 22.76 -1.49
N THR A 199 -10.97 22.67 -0.26
CA THR A 199 -12.08 23.51 0.19
C THR A 199 -11.74 24.50 1.36
N THR A 200 -10.53 24.41 1.88
CA THR A 200 -10.11 25.25 2.98
C THR A 200 -8.73 25.87 2.72
N VAL A 201 -8.51 26.28 1.46
CA VAL A 201 -7.29 26.86 1.04
C VAL A 201 -7.13 28.30 1.60
N ASP A 202 -8.19 29.05 1.60
CA ASP A 202 -8.23 30.37 2.24
C ASP A 202 -7.77 30.28 3.71
N PHE A 203 -8.31 29.30 4.42
CA PHE A 203 -7.88 29.08 5.81
C PHE A 203 -6.40 28.82 5.90
N ALA A 204 -5.87 27.92 5.05
CA ALA A 204 -4.45 27.61 5.06
C ALA A 204 -3.58 28.84 4.85
N TYR A 205 -3.95 29.66 3.86
CA TYR A 205 -3.21 30.86 3.61
C TYR A 205 -3.33 31.88 4.76
N LEU A 206 -4.48 31.95 5.42
CA LEU A 206 -4.68 32.88 6.50
C LEU A 206 -3.77 32.53 7.69
N ALA A 207 -3.54 31.24 7.86
CA ALA A 207 -2.57 30.74 8.85
C ALA A 207 -1.10 30.75 8.42
N GLY A 208 -0.83 31.22 7.19
CA GLY A 208 0.53 31.30 6.71
C GLY A 208 1.11 30.08 6.07
N ALA A 209 0.27 29.21 5.49
CA ALA A 209 0.77 28.16 4.65
C ALA A 209 1.47 28.73 3.36
N ASP A 210 2.31 27.89 2.77
CA ASP A 210 3.06 28.25 1.59
C ASP A 210 2.41 27.93 0.24
N GLY A 211 1.30 27.24 0.27
CA GLY A 211 0.64 26.89 -1.03
C GLY A 211 -0.30 25.70 -0.83
N VAL A 212 -0.74 25.16 -1.94
CA VAL A 212 -1.83 24.24 -2.03
C VAL A 212 -1.60 23.27 -3.18
N VAL A 213 -1.97 22.02 -2.95
CA VAL A 213 -1.91 20.93 -3.92
C VAL A 213 -3.34 20.36 -4.05
N PRO A 214 -4.21 20.97 -4.89
CA PRO A 214 -5.60 20.65 -4.90
C PRO A 214 -5.98 19.82 -6.11
N GLY A 215 -6.51 18.61 -5.92
CA GLY A 215 -6.85 17.85 -7.14
C GLY A 215 -7.81 18.60 -8.03
N LEU A 216 -8.78 19.31 -7.44
CA LEU A 216 -9.78 20.03 -8.24
C LEU A 216 -9.10 21.14 -9.08
N GLY A 217 -7.88 21.47 -8.74
CA GLY A 217 -7.06 22.42 -9.55
C GLY A 217 -6.72 21.88 -10.94
N ASN A 218 -6.89 20.59 -11.16
CA ASN A 218 -6.87 20.09 -12.54
C ASN A 218 -8.01 20.65 -13.40
N VAL A 219 -9.20 20.77 -12.83
CA VAL A 219 -10.37 21.19 -13.52
C VAL A 219 -10.32 22.68 -13.68
N ASP A 220 -10.04 23.40 -12.57
CA ASP A 220 -10.13 24.88 -12.49
C ASP A 220 -8.86 25.48 -11.92
N PRO A 221 -7.78 25.44 -12.69
CA PRO A 221 -6.54 25.95 -12.21
C PRO A 221 -6.56 27.44 -11.97
N ALA A 222 -7.26 28.15 -12.82
CA ALA A 222 -7.30 29.60 -12.70
C ALA A 222 -8.07 30.01 -11.43
N ALA A 223 -9.06 29.22 -11.03
CA ALA A 223 -9.78 29.54 -9.75
C ALA A 223 -8.78 29.53 -8.56
N TYR A 224 -7.98 28.48 -8.46
CA TYR A 224 -7.01 28.36 -7.38
C TYR A 224 -5.93 29.43 -7.50
N ALA A 225 -5.46 29.70 -8.73
CA ALA A 225 -4.45 30.73 -8.88
C ALA A 225 -5.03 32.09 -8.42
N ALA A 226 -6.27 32.38 -8.73
CA ALA A 226 -6.93 33.65 -8.33
C ALA A 226 -7.13 33.68 -6.85
N LEU A 227 -7.53 32.53 -6.28
CA LEU A 227 -7.69 32.50 -4.84
C LEU A 227 -6.37 32.77 -4.09
N ALA A 228 -5.25 32.22 -4.53
CA ALA A 228 -3.97 32.38 -3.89
C ALA A 228 -3.61 33.87 -3.98
N LYS A 229 -3.81 34.43 -5.15
CA LYS A 229 -3.54 35.87 -5.30
C LYS A 229 -4.33 36.76 -4.34
N LEU A 230 -5.64 36.55 -4.27
CA LEU A 230 -6.49 37.24 -3.34
C LEU A 230 -5.98 37.10 -1.88
N CYS A 231 -5.60 35.89 -1.48
CA CYS A 231 -5.05 35.68 -0.12
C CYS A 231 -3.74 36.45 0.07
N LEU A 232 -2.83 36.39 -0.88
CA LEU A 232 -1.53 37.01 -0.78
C LEU A 232 -1.71 38.52 -0.73
N ASP A 233 -2.78 39.04 -1.31
CA ASP A 233 -3.07 40.50 -1.28
C ASP A 233 -3.84 40.88 -0.01
N GLY A 234 -4.12 39.92 0.90
CA GLY A 234 -4.89 40.24 2.08
C GLY A 234 -6.34 40.48 1.85
N LYS A 235 -6.89 39.99 0.74
CA LYS A 235 -8.25 40.25 0.43
C LYS A 235 -9.11 39.05 0.90
N TRP A 236 -9.21 38.97 2.23
CA TRP A 236 -9.78 37.75 2.83
C TRP A 236 -11.23 37.49 2.58
N ALA A 237 -12.07 38.50 2.63
CA ALA A 237 -13.47 38.35 2.36
C ALA A 237 -13.70 37.91 0.89
N GLU A 238 -12.96 38.50 -0.01
CA GLU A 238 -13.03 38.11 -1.43
C GLU A 238 -12.57 36.67 -1.61
N ALA A 239 -11.50 36.33 -0.95
CA ALA A 239 -10.93 34.93 -0.99
C ALA A 239 -11.95 33.97 -0.52
N ALA A 240 -12.63 34.26 0.61
CA ALA A 240 -13.63 33.32 1.10
C ALA A 240 -14.80 33.17 0.15
N ALA A 241 -15.19 34.24 -0.54
CA ALA A 241 -16.25 34.16 -1.52
C ALA A 241 -15.85 33.29 -2.71
N LEU A 242 -14.63 33.41 -3.16
CA LEU A 242 -14.17 32.62 -4.30
C LEU A 242 -14.07 31.16 -3.81
N GLN A 243 -13.53 30.96 -2.61
CA GLN A 243 -13.44 29.55 -2.08
C GLN A 243 -14.82 28.93 -1.98
N LYS A 244 -15.86 29.66 -1.58
CA LYS A 244 -17.22 29.15 -1.57
C LYS A 244 -17.68 28.69 -2.99
N ARG A 245 -17.33 29.45 -3.99
CA ARG A 245 -17.65 29.09 -5.36
C ARG A 245 -16.92 27.83 -5.80
N ILE A 246 -15.65 27.72 -5.46
CA ILE A 246 -14.83 26.56 -5.70
C ILE A 246 -15.46 25.37 -5.03
N ASN A 247 -15.98 25.59 -3.81
CA ASN A 247 -16.57 24.50 -3.06
C ASN A 247 -17.85 23.95 -3.67
N HIS A 248 -18.56 24.76 -4.46
CA HIS A 248 -19.71 24.34 -5.20
C HIS A 248 -19.33 23.60 -6.48
N LEU A 249 -18.27 24.06 -7.13
CA LEU A 249 -17.67 23.24 -8.22
C LEU A 249 -17.31 21.85 -7.74
N PHE A 250 -16.75 21.83 -6.52
CA PHE A 250 -16.33 20.54 -5.90
C PHE A 250 -17.44 19.57 -5.82
N HIS A 251 -18.72 19.98 -5.87
CA HIS A 251 -19.81 19.02 -5.85
C HIS A 251 -19.78 17.98 -6.92
N ILE A 252 -19.00 18.17 -7.97
CA ILE A 252 -18.80 17.14 -8.98
C ILE A 252 -18.39 15.83 -8.34
N VAL A 253 -17.64 15.89 -7.25
CA VAL A 253 -17.17 14.60 -6.62
C VAL A 253 -18.22 13.87 -5.90
N PHE A 254 -19.32 14.50 -5.54
CA PHE A 254 -20.44 13.88 -4.81
C PHE A 254 -21.58 13.35 -5.68
N VAL A 255 -21.44 13.45 -7.00
CA VAL A 255 -22.44 12.96 -7.89
C VAL A 255 -22.48 11.43 -7.95
N GLY A 256 -21.34 10.80 -8.15
CA GLY A 256 -21.28 9.34 -8.28
C GLY A 256 -21.87 8.61 -7.10
N ASP A 257 -22.65 7.57 -7.41
CA ASP A 257 -23.36 6.84 -6.33
C ASP A 257 -22.41 5.86 -5.61
N THR A 258 -21.95 6.26 -4.45
CA THR A 258 -20.97 5.45 -3.71
C THR A 258 -21.60 4.30 -3.02
N SER A 259 -22.89 4.01 -3.27
CA SER A 259 -23.42 2.69 -2.88
C SER A 259 -22.84 1.55 -3.74
N HIS A 260 -22.26 1.86 -4.90
CA HIS A 260 -21.62 0.88 -5.72
C HIS A 260 -20.30 1.29 -6.30
N MET A 261 -19.63 2.28 -5.70
CA MET A 261 -18.27 2.68 -6.15
C MET A 261 -17.55 3.36 -5.01
N SER A 262 -16.22 3.36 -5.10
CA SER A 262 -15.43 3.96 -4.12
C SER A 262 -15.46 5.50 -4.26
N GLY A 263 -14.98 6.17 -3.22
CA GLY A 263 -14.82 7.61 -3.29
C GLY A 263 -13.82 8.00 -4.35
N SER A 264 -12.86 7.14 -4.64
CA SER A 264 -11.91 7.35 -5.77
C SER A 264 -12.63 7.38 -7.12
N SER A 265 -13.49 6.39 -7.38
CA SER A 265 -14.25 6.39 -8.60
C SER A 265 -15.07 7.67 -8.75
N ALA A 266 -15.80 8.03 -7.67
CA ALA A 266 -16.70 9.15 -7.79
C ALA A 266 -15.92 10.45 -7.92
N GLY A 267 -14.84 10.58 -7.12
CA GLY A 267 -14.13 11.85 -7.09
C GLY A 267 -13.18 12.06 -8.27
N LEU A 268 -12.26 11.15 -8.47
CA LEU A 268 -11.35 11.27 -9.63
C LEU A 268 -12.15 11.13 -10.92
N GLY A 269 -13.16 10.26 -10.92
CA GLY A 269 -14.06 10.13 -12.02
C GLY A 269 -14.77 11.46 -12.35
N GLY A 270 -15.28 12.14 -11.32
CA GLY A 270 -15.90 13.46 -11.51
C GLY A 270 -14.90 14.44 -12.12
N PHE A 271 -13.69 14.43 -11.63
CA PHE A 271 -12.68 15.40 -12.18
C PHE A 271 -12.42 15.07 -13.67
N LYS A 272 -12.26 13.76 -13.98
CA LYS A 272 -11.97 13.38 -15.40
C LYS A 272 -13.15 13.65 -16.35
N THR A 273 -14.38 13.53 -15.85
CA THR A 273 -15.60 13.80 -16.58
C THR A 273 -15.65 15.29 -16.88
N ALA A 274 -15.33 16.11 -15.86
CA ALA A 274 -15.21 17.58 -16.03
C ALA A 274 -14.19 17.91 -17.08
N LEU A 275 -12.99 17.33 -17.01
CA LEU A 275 -11.92 17.57 -17.98
C LEU A 275 -12.34 17.20 -19.41
N ALA A 276 -12.99 16.09 -19.58
CA ALA A 276 -13.46 15.67 -20.91
C ALA A 276 -14.55 16.63 -21.44
N HIS A 277 -15.45 17.07 -20.59
CA HIS A 277 -16.47 18.03 -20.95
C HIS A 277 -15.91 19.36 -21.45
N LEU A 278 -14.81 19.79 -20.84
CA LEU A 278 -14.14 21.04 -21.19
C LEU A 278 -13.24 20.87 -22.42
N GLY A 279 -13.14 19.65 -22.92
CA GLY A 279 -12.28 19.33 -24.10
C GLY A 279 -10.76 19.33 -23.86
N ILE A 280 -10.36 19.17 -22.61
CA ILE A 280 -8.95 19.06 -22.24
C ILE A 280 -8.40 17.65 -22.43
N ILE A 281 -9.20 16.62 -22.13
CA ILE A 281 -8.81 15.23 -22.32
C ILE A 281 -9.84 14.48 -23.13
N GLU A 282 -9.41 13.39 -23.77
CA GLU A 282 -10.23 12.67 -24.74
C GLU A 282 -11.36 11.94 -24.02
N SER A 283 -11.08 11.37 -22.84
CA SER A 283 -12.04 10.49 -22.20
C SER A 283 -11.98 10.55 -20.68
N ASN A 284 -13.07 10.16 -20.01
CA ASN A 284 -13.06 10.03 -18.56
C ASN A 284 -12.65 8.61 -18.05
N ALA A 285 -12.01 7.84 -18.92
CA ALA A 285 -11.55 6.50 -18.54
C ALA A 285 -10.70 6.55 -17.30
N MET A 286 -10.95 5.57 -16.39
CA MET A 286 -10.21 5.44 -15.13
C MET A 286 -9.56 4.04 -15.11
N ALA A 287 -8.54 3.85 -14.33
CA ALA A 287 -7.86 2.57 -14.23
C ALA A 287 -8.73 1.57 -13.50
N VAL A 288 -8.53 0.30 -13.87
CA VAL A 288 -9.16 -0.81 -13.15
C VAL A 288 -8.67 -0.77 -11.68
N PRO A 289 -9.58 -1.00 -10.70
CA PRO A 289 -10.96 -1.47 -10.76
C PRO A 289 -12.01 -0.36 -10.50
N HIS A 290 -11.68 0.88 -10.84
CA HIS A 290 -12.64 1.96 -10.77
C HIS A 290 -13.90 1.63 -11.55
N GLN A 291 -15.03 2.11 -11.02
CA GLN A 291 -16.33 1.90 -11.62
C GLN A 291 -16.66 3.10 -12.50
N SER A 292 -17.38 2.85 -13.59
CA SER A 292 -17.73 3.91 -14.52
C SER A 292 -18.87 4.76 -13.98
N LEU A 293 -18.91 6.06 -14.34
CA LEU A 293 -20.08 6.87 -13.98
C LEU A 293 -21.14 6.71 -15.04
N SER A 294 -22.37 6.83 -14.62
CA SER A 294 -23.48 6.63 -15.55
C SER A 294 -23.70 7.86 -16.43
N ASP A 295 -24.55 7.74 -17.45
CA ASP A 295 -24.82 8.91 -18.33
C ASP A 295 -25.55 9.98 -17.53
N GLU A 296 -26.40 9.58 -16.56
CA GLU A 296 -27.09 10.51 -15.69
C GLU A 296 -26.07 11.27 -14.81
N GLU A 297 -25.11 10.51 -14.30
CA GLU A 297 -24.06 11.08 -13.47
C GLU A 297 -23.22 12.07 -14.26
N THR A 298 -22.75 11.68 -15.44
CA THR A 298 -21.94 12.56 -16.22
C THR A 298 -22.70 13.80 -16.60
N ALA A 299 -23.99 13.67 -16.99
CA ALA A 299 -24.79 14.86 -17.27
C ALA A 299 -24.84 15.83 -16.07
N ARG A 300 -25.03 15.26 -14.89
CA ARG A 300 -25.03 16.04 -13.68
C ARG A 300 -23.74 16.80 -13.48
N ILE A 301 -22.62 16.13 -13.69
CA ILE A 301 -21.34 16.69 -13.51
C ILE A 301 -21.14 17.85 -14.52
N HIS A 302 -21.51 17.61 -15.76
CA HIS A 302 -21.42 18.68 -16.78
C HIS A 302 -22.11 19.94 -16.35
N ALA A 303 -23.33 19.80 -15.79
CA ALA A 303 -24.10 20.98 -15.38
C ALA A 303 -23.48 21.77 -14.26
N ILE A 304 -22.93 21.06 -13.27
CA ILE A 304 -22.16 21.71 -12.22
C ILE A 304 -20.96 22.46 -12.74
N VAL A 305 -20.20 21.86 -13.65
CA VAL A 305 -19.04 22.53 -14.23
C VAL A 305 -19.48 23.81 -14.97
N ASP A 306 -20.53 23.66 -15.78
CA ASP A 306 -21.05 24.86 -16.51
C ASP A 306 -21.48 25.98 -15.57
N GLU A 307 -22.04 25.66 -14.45
CA GLU A 307 -22.49 26.66 -13.50
C GLU A 307 -21.36 27.34 -12.70
N PHE A 308 -20.42 26.55 -12.18
CA PHE A 308 -19.43 27.06 -11.21
C PHE A 308 -17.99 27.20 -11.64
N LEU A 309 -17.65 26.83 -12.88
CA LEU A 309 -16.33 27.04 -13.34
C LEU A 309 -16.01 28.52 -13.36
N TYR A 310 -14.77 28.84 -13.00
CA TYR A 310 -14.41 30.24 -12.83
C TYR A 310 -14.07 30.95 -14.12
N THR A 311 -13.26 30.31 -14.95
CA THR A 311 -12.91 30.84 -16.28
C THR A 311 -14.13 31.14 -17.23
N THR B 5 -3.71 -28.50 -4.56
CA THR B 5 -4.66 -28.32 -3.42
C THR B 5 -3.88 -27.65 -2.32
N PHE B 6 -4.36 -26.51 -1.88
CA PHE B 6 -3.69 -25.81 -0.79
C PHE B 6 -4.50 -25.95 0.49
N THR B 7 -4.26 -27.08 1.18
CA THR B 7 -4.79 -27.33 2.46
C THR B 7 -3.63 -27.73 3.37
N GLY B 8 -3.92 -27.74 4.65
CA GLY B 8 -2.95 -28.16 5.62
C GLY B 8 -2.07 -27.05 6.11
N VAL B 9 -0.84 -27.41 6.51
CA VAL B 9 0.08 -26.43 7.04
C VAL B 9 0.90 -25.83 5.94
N ILE B 10 0.78 -24.52 5.72
CA ILE B 10 1.36 -23.89 4.59
C ILE B 10 2.04 -22.59 5.05
N PRO B 11 3.30 -22.71 5.48
CA PRO B 11 3.87 -21.49 6.06
C PRO B 11 4.14 -20.40 5.05
N PRO B 12 4.02 -19.15 5.49
CA PRO B 12 4.49 -18.07 4.66
C PRO B 12 5.98 -17.89 4.76
N VAL B 13 6.69 -18.39 3.77
CA VAL B 13 8.15 -18.49 3.81
C VAL B 13 8.79 -17.14 4.06
N MET B 14 9.75 -17.05 4.99
CA MET B 14 10.51 -15.82 5.16
C MET B 14 11.53 -15.62 4.03
N THR B 15 12.02 -14.40 3.93
CA THR B 15 13.14 -14.10 3.01
C THR B 15 14.40 -13.78 3.84
N PRO B 16 15.30 -14.75 3.89
CA PRO B 16 16.61 -14.47 4.51
C PRO B 16 17.38 -13.50 3.66
N LEU B 17 18.11 -12.61 4.34
CA LEU B 17 18.84 -11.56 3.71
C LEU B 17 20.30 -11.56 4.19
N HIS B 18 21.17 -11.09 3.32
CA HIS B 18 22.53 -10.75 3.76
C HIS B 18 22.48 -9.36 4.44
N ALA B 19 23.54 -9.02 5.19
CA ALA B 19 23.63 -7.74 5.86
C ALA B 19 23.46 -6.55 4.91
N ASP B 20 23.84 -6.72 3.68
CA ASP B 20 23.62 -5.72 2.67
C ASP B 20 22.16 -5.59 2.15
N GLY B 21 21.24 -6.41 2.65
CA GLY B 21 19.84 -6.29 2.18
C GLY B 21 19.46 -7.09 0.94
N SER B 22 20.44 -7.82 0.35
CA SER B 22 20.18 -8.66 -0.83
C SER B 22 19.60 -9.99 -0.32
N VAL B 23 18.83 -10.67 -1.15
CA VAL B 23 18.27 -11.98 -0.88
C VAL B 23 19.42 -12.95 -0.68
N ASP B 24 19.37 -13.69 0.43
CA ASP B 24 20.35 -14.75 0.70
C ASP B 24 19.78 -16.05 0.17
N VAL B 25 20.14 -16.42 -1.05
CA VAL B 25 19.51 -17.56 -1.70
C VAL B 25 19.91 -18.86 -1.05
N GLU B 26 21.16 -18.93 -0.60
CA GLU B 26 21.59 -20.14 0.07
C GLU B 26 20.79 -20.43 1.39
N SER B 27 20.63 -19.41 2.21
CA SER B 27 19.82 -19.50 3.44
C SER B 27 18.36 -19.78 3.08
N LEU B 28 17.88 -19.15 2.01
CA LEU B 28 16.48 -19.43 1.58
C LEU B 28 16.25 -20.90 1.24
N ARG B 29 17.16 -21.53 0.51
CA ARG B 29 17.07 -22.95 0.24
C ARG B 29 17.11 -23.78 1.51
N LYS B 30 17.97 -23.42 2.46
CA LYS B 30 18.04 -24.19 3.69
C LYS B 30 16.69 -24.05 4.44
N LEU B 31 16.13 -22.87 4.38
CA LEU B 31 14.83 -22.65 5.05
C LEU B 31 13.74 -23.48 4.41
N VAL B 32 13.73 -23.53 3.08
CA VAL B 32 12.82 -24.37 2.38
C VAL B 32 12.91 -25.84 2.85
N ASP B 33 14.14 -26.36 2.86
CA ASP B 33 14.38 -27.71 3.42
C ASP B 33 13.89 -27.89 4.82
N HIS B 34 14.19 -26.91 5.66
CA HIS B 34 13.76 -26.95 7.05
C HIS B 34 12.23 -27.13 7.12
N LEU B 35 11.53 -26.32 6.33
CA LEU B 35 10.07 -26.40 6.31
C LEU B 35 9.55 -27.74 5.80
N ILE B 36 10.10 -28.21 4.68
CA ILE B 36 9.59 -29.39 4.01
C ILE B 36 9.93 -30.56 4.87
N ASN B 37 11.12 -30.56 5.41
CA ASN B 37 11.52 -31.66 6.32
C ASN B 37 10.79 -31.68 7.63
N GLY B 38 10.26 -30.53 8.03
CA GLY B 38 9.41 -30.46 9.19
C GLY B 38 7.98 -30.92 8.98
N GLY B 39 7.60 -31.33 7.80
CA GLY B 39 6.33 -31.90 7.49
C GLY B 39 5.24 -31.00 6.96
N VAL B 40 5.59 -29.83 6.49
CA VAL B 40 4.56 -28.96 5.97
C VAL B 40 3.92 -29.52 4.70
N ASP B 41 2.70 -29.05 4.43
CA ASP B 41 1.94 -29.42 3.25
C ASP B 41 2.06 -28.59 2.02
N GLY B 42 2.64 -27.41 2.15
CA GLY B 42 2.80 -26.49 1.04
C GLY B 42 3.56 -25.30 1.52
N LEU B 43 3.90 -24.40 0.60
CA LEU B 43 4.66 -23.21 0.93
C LEU B 43 3.96 -22.01 0.28
N PHE B 44 3.91 -20.89 1.01
CA PHE B 44 3.37 -19.64 0.50
C PHE B 44 4.48 -18.66 0.40
N ALA B 45 4.91 -18.38 -0.83
CA ALA B 45 6.00 -17.51 -1.07
C ALA B 45 5.49 -16.09 -1.24
N LEU B 46 6.26 -15.14 -0.77
CA LEU B 46 5.99 -13.69 -0.99
C LEU B 46 4.68 -13.27 -0.30
N GLY B 47 4.52 -13.71 0.90
CA GLY B 47 3.54 -13.22 1.85
C GLY B 47 4.12 -12.04 2.65
N SER B 48 3.33 -11.59 3.63
CA SER B 48 3.81 -10.60 4.54
C SER B 48 5.04 -11.04 5.33
N SER B 49 5.04 -12.29 5.82
CA SER B 49 6.15 -12.73 6.63
C SER B 49 7.40 -12.89 5.75
N GLY B 50 7.20 -13.03 4.46
CA GLY B 50 8.28 -13.04 3.44
C GLY B 50 8.87 -11.68 3.15
N GLU B 51 8.41 -10.65 3.89
CA GLU B 51 8.84 -9.26 3.63
C GLU B 51 8.52 -8.81 2.23
N ALA B 52 7.46 -9.36 1.64
CA ALA B 52 7.09 -8.95 0.29
C ALA B 52 6.95 -7.45 0.13
N ALA B 53 6.39 -6.77 1.12
CA ALA B 53 6.25 -5.30 0.99
C ALA B 53 7.57 -4.53 1.02
N PHE B 54 8.64 -5.18 1.46
CA PHE B 54 9.95 -4.59 1.55
C PHE B 54 10.86 -4.93 0.39
N LEU B 55 10.55 -6.00 -0.32
CA LEU B 55 11.39 -6.48 -1.45
C LEU B 55 10.99 -5.73 -2.72
N THR B 56 11.96 -5.47 -3.58
CA THR B 56 11.67 -4.99 -4.89
C THR B 56 11.07 -6.11 -5.73
N ARG B 57 10.43 -5.72 -6.82
CA ARG B 57 9.88 -6.73 -7.71
C ARG B 57 10.95 -7.75 -8.15
N ALA B 58 12.13 -7.23 -8.44
CA ALA B 58 13.24 -8.09 -8.90
C ALA B 58 13.65 -9.05 -7.79
N GLN B 59 13.71 -8.55 -6.55
CA GLN B 59 14.01 -9.44 -5.41
C GLN B 59 12.92 -10.46 -5.18
N ARG B 60 11.65 -10.06 -5.30
CA ARG B 60 10.57 -11.01 -5.12
C ARG B 60 10.67 -12.14 -6.14
N LYS B 61 10.94 -11.81 -7.41
CA LYS B 61 11.09 -12.81 -8.43
C LYS B 61 12.27 -13.76 -8.12
N LEU B 62 13.36 -13.23 -7.60
CA LEU B 62 14.50 -14.11 -7.20
C LEU B 62 14.11 -15.00 -6.04
N ALA B 63 13.40 -14.47 -5.02
CA ALA B 63 12.98 -15.34 -3.92
C ALA B 63 12.03 -16.43 -4.39
N LEU B 64 11.07 -16.06 -5.23
CA LEU B 64 10.07 -17.00 -5.68
C LEU B 64 10.68 -18.13 -6.48
N THR B 65 11.52 -17.77 -7.46
CA THR B 65 12.23 -18.79 -8.27
C THR B 65 13.10 -19.69 -7.39
N THR B 66 13.71 -19.09 -6.40
CA THR B 66 14.60 -19.88 -5.49
C THR B 66 13.82 -20.90 -4.76
N ILE B 67 12.67 -20.52 -4.23
CA ILE B 67 11.84 -21.46 -3.48
C ILE B 67 11.26 -22.53 -4.40
N ILE B 68 10.73 -22.16 -5.56
CA ILE B 68 10.09 -23.14 -6.45
C ILE B 68 11.15 -24.19 -6.90
N GLU B 69 12.29 -23.70 -7.32
CA GLU B 69 13.34 -24.61 -7.91
C GLU B 69 13.84 -25.50 -6.80
N HIS B 70 14.07 -24.95 -5.60
CA HIS B 70 14.59 -25.81 -4.52
C HIS B 70 13.58 -26.78 -3.99
N THR B 71 12.31 -26.35 -3.95
CA THR B 71 11.26 -27.27 -3.57
C THR B 71 11.22 -28.51 -4.47
N ALA B 72 11.47 -28.30 -5.76
CA ALA B 72 11.54 -29.44 -6.68
C ALA B 72 10.33 -30.34 -6.67
N GLY B 73 9.15 -29.76 -6.61
CA GLY B 73 7.91 -30.57 -6.64
C GLY B 73 7.54 -31.28 -5.34
N ARG B 74 8.30 -31.08 -4.28
CA ARG B 74 8.06 -31.82 -3.06
C ARG B 74 6.74 -31.50 -2.36
N VAL B 75 6.38 -30.20 -2.40
CA VAL B 75 5.08 -29.77 -1.92
C VAL B 75 4.73 -28.62 -2.88
N PRO B 76 3.46 -28.23 -2.96
CA PRO B 76 3.04 -27.17 -3.90
C PRO B 76 3.40 -25.80 -3.30
N VAL B 77 3.65 -24.85 -4.19
CA VAL B 77 4.05 -23.52 -3.87
C VAL B 77 3.04 -22.52 -4.46
N THR B 78 2.43 -21.73 -3.58
CA THR B 78 1.58 -20.63 -3.99
C THR B 78 2.39 -19.33 -3.83
N ALA B 79 2.11 -18.36 -4.72
CA ALA B 79 2.78 -17.10 -4.81
C ALA B 79 1.88 -15.93 -4.44
N GLY B 80 2.38 -15.10 -3.53
CA GLY B 80 1.81 -13.79 -3.28
C GLY B 80 1.98 -12.86 -4.47
N VAL B 81 0.93 -12.10 -4.77
CA VAL B 81 0.94 -11.07 -5.81
C VAL B 81 0.44 -9.78 -5.15
N ILE B 82 1.07 -9.43 -4.03
CA ILE B 82 0.65 -8.25 -3.25
C ILE B 82 1.12 -6.91 -3.86
N GLU B 83 0.15 -6.13 -4.29
CA GLU B 83 0.39 -4.77 -4.86
C GLU B 83 -0.85 -3.95 -4.70
N THR B 84 -0.73 -2.60 -4.93
CA THR B 84 -1.82 -1.76 -4.54
C THR B 84 -3.11 -1.96 -5.31
N THR B 85 -3.01 -2.15 -6.60
CA THR B 85 -4.19 -2.21 -7.48
C THR B 85 -4.00 -3.24 -8.61
N THR B 86 -5.09 -3.47 -9.37
CA THR B 86 -5.22 -4.59 -10.26
C THR B 86 -4.14 -4.73 -11.34
N ALA B 87 -3.83 -3.67 -12.08
CA ALA B 87 -2.82 -3.74 -13.11
C ALA B 87 -1.48 -4.10 -12.58
N ARG B 88 -1.13 -3.55 -11.43
CA ARG B 88 0.14 -3.86 -10.79
C ARG B 88 0.17 -5.29 -10.26
N VAL B 89 -0.93 -5.76 -9.73
CA VAL B 89 -1.03 -7.15 -9.29
C VAL B 89 -0.88 -8.14 -10.51
N ILE B 90 -1.52 -7.81 -11.63
CA ILE B 90 -1.43 -8.67 -12.80
C ILE B 90 0.00 -8.78 -13.37
N GLU B 91 0.79 -7.74 -13.25
CA GLU B 91 2.22 -7.83 -13.62
C GLU B 91 2.88 -8.97 -12.78
N LEU B 92 2.54 -9.02 -11.49
CA LEU B 92 3.13 -10.01 -10.59
C LEU B 92 2.56 -11.41 -10.83
N VAL B 93 1.33 -11.48 -11.30
CA VAL B 93 0.74 -12.77 -11.69
C VAL B 93 1.56 -13.33 -12.88
N GLU B 94 1.87 -12.50 -13.83
CA GLU B 94 2.77 -12.88 -14.98
C GLU B 94 4.12 -13.38 -14.48
N ASP B 95 4.73 -12.70 -13.51
CA ASP B 95 5.96 -13.15 -12.93
C ASP B 95 5.80 -14.52 -12.31
N ALA B 96 4.73 -14.69 -11.53
CA ALA B 96 4.43 -16.00 -10.94
C ALA B 96 4.25 -17.12 -11.95
N LEU B 97 3.58 -16.83 -13.05
CA LEU B 97 3.45 -17.80 -14.14
C LEU B 97 4.80 -18.19 -14.70
N GLU B 98 5.67 -17.21 -14.88
CA GLU B 98 6.99 -17.42 -15.47
C GLU B 98 7.80 -18.28 -14.55
N ALA B 99 7.60 -18.12 -13.23
CA ALA B 99 8.36 -18.87 -12.25
C ALA B 99 7.82 -20.29 -12.06
N GLY B 100 6.60 -20.55 -12.49
CA GLY B 100 6.01 -21.86 -12.25
C GLY B 100 5.24 -22.05 -10.95
N ALA B 101 4.71 -20.97 -10.45
CA ALA B 101 3.86 -21.07 -9.28
C ALA B 101 2.66 -21.91 -9.53
N GLU B 102 2.12 -22.50 -8.45
CA GLU B 102 0.99 -23.39 -8.54
C GLU B 102 -0.27 -22.83 -7.89
N GLY B 103 -0.17 -21.60 -7.45
CA GLY B 103 -1.35 -20.92 -6.86
C GLY B 103 -0.97 -19.44 -6.74
N LEU B 104 -1.97 -18.62 -6.47
CA LEU B 104 -1.83 -17.16 -6.33
C LEU B 104 -2.52 -16.70 -5.03
N VAL B 105 -1.96 -15.66 -4.38
CA VAL B 105 -2.56 -15.14 -3.18
C VAL B 105 -2.61 -13.61 -3.35
N ALA B 106 -3.79 -13.02 -3.29
CA ALA B 106 -3.94 -11.59 -3.52
C ALA B 106 -4.79 -10.96 -2.44
N THR B 107 -4.56 -9.68 -2.15
CA THR B 107 -5.39 -8.98 -1.19
C THR B 107 -6.35 -7.99 -1.96
N ALA B 108 -7.28 -7.33 -1.24
CA ALA B 108 -7.98 -6.17 -1.79
C ALA B 108 -7.02 -5.14 -2.23
N PRO B 109 -7.50 -4.20 -3.05
CA PRO B 109 -6.69 -3.02 -3.32
C PRO B 109 -6.36 -2.24 -2.04
N PHE B 110 -5.26 -1.54 -2.06
CA PHE B 110 -4.87 -0.72 -0.90
C PHE B 110 -4.19 0.55 -1.39
N TYR B 111 -3.87 1.43 -0.43
CA TYR B 111 -3.49 2.81 -0.69
C TYR B 111 -4.73 3.58 -1.13
N THR B 112 -5.26 3.21 -2.26
CA THR B 112 -6.54 3.74 -2.70
C THR B 112 -7.68 3.37 -1.79
N ARG B 113 -8.68 4.25 -1.72
CA ARG B 113 -9.99 3.96 -1.22
C ARG B 113 -10.64 2.93 -2.11
N THR B 114 -11.32 2.00 -1.52
CA THR B 114 -11.94 0.93 -2.32
C THR B 114 -13.41 0.74 -1.90
N HIS B 115 -14.05 -0.30 -2.40
CA HIS B 115 -15.45 -0.61 -2.16
C HIS B 115 -15.59 -2.07 -2.48
N ASP B 116 -16.53 -2.71 -1.84
CA ASP B 116 -16.77 -4.12 -2.15
C ASP B 116 -16.96 -4.46 -3.62
N VAL B 117 -17.62 -3.57 -4.42
CA VAL B 117 -17.84 -3.81 -5.82
C VAL B 117 -16.52 -3.80 -6.58
N GLU B 118 -15.62 -2.91 -6.13
CA GLU B 118 -14.28 -2.79 -6.81
C GLU B 118 -13.38 -3.94 -6.41
N ILE B 119 -13.48 -4.34 -5.12
CA ILE B 119 -12.74 -5.53 -4.61
C ILE B 119 -13.14 -6.78 -5.42
N GLU B 120 -14.43 -6.91 -5.70
CA GLU B 120 -14.94 -8.02 -6.47
C GLU B 120 -14.42 -8.02 -7.89
N GLU B 121 -14.41 -6.83 -8.53
CA GLU B 121 -13.89 -6.72 -9.83
C GLU B 121 -12.42 -7.02 -9.91
N HIS B 122 -11.64 -6.55 -8.93
CA HIS B 122 -10.22 -6.81 -8.78
C HIS B 122 -9.93 -8.32 -8.78
N PHE B 123 -10.64 -9.05 -7.95
CA PHE B 123 -10.37 -10.48 -7.90
C PHE B 123 -10.76 -11.22 -9.20
N ARG B 124 -11.83 -10.76 -9.82
CA ARG B 124 -12.26 -11.32 -11.12
C ARG B 124 -11.20 -11.13 -12.19
N LYS B 125 -10.59 -9.93 -12.24
CA LYS B 125 -9.56 -9.61 -13.21
C LYS B 125 -8.25 -10.33 -12.95
N ILE B 126 -7.92 -10.56 -11.67
CA ILE B 126 -6.72 -11.28 -11.34
C ILE B 126 -6.87 -12.73 -11.78
N HIS B 127 -8.00 -13.32 -11.44
CA HIS B 127 -8.32 -14.73 -11.81
C HIS B 127 -8.30 -14.87 -13.32
N ALA B 128 -8.86 -13.90 -14.04
CA ALA B 128 -8.81 -13.92 -15.50
C ALA B 128 -7.42 -13.93 -16.08
N ALA B 129 -6.40 -13.37 -15.41
CA ALA B 129 -5.02 -13.40 -15.87
C ALA B 129 -4.34 -14.76 -15.76
N ALA B 130 -4.87 -15.64 -14.93
CA ALA B 130 -4.28 -16.96 -14.71
C ALA B 130 -5.35 -17.93 -14.26
N PRO B 131 -6.30 -18.23 -15.17
CA PRO B 131 -7.50 -18.95 -14.66
C PRO B 131 -7.24 -20.40 -14.27
N GLU B 132 -6.09 -20.94 -14.66
CA GLU B 132 -5.72 -22.30 -14.28
C GLU B 132 -5.16 -22.44 -12.87
N LEU B 133 -4.82 -21.35 -12.24
CA LEU B 133 -4.23 -21.41 -10.92
C LEU B 133 -5.31 -21.07 -9.89
N PRO B 134 -5.29 -21.78 -8.77
CA PRO B 134 -6.19 -21.45 -7.65
C PRO B 134 -5.77 -20.06 -7.11
N LEU B 135 -6.74 -19.18 -6.97
CA LEU B 135 -6.54 -17.87 -6.40
C LEU B 135 -7.15 -17.79 -5.04
N PHE B 136 -6.35 -17.50 -4.03
CA PHE B 136 -6.82 -17.33 -2.68
C PHE B 136 -6.84 -15.86 -2.33
N ALA B 137 -7.92 -15.40 -1.70
CA ALA B 137 -8.02 -14.06 -1.20
C ALA B 137 -7.42 -13.97 0.22
N PHE B 138 -6.55 -13.00 0.43
CA PHE B 138 -5.84 -12.84 1.70
C PHE B 138 -6.48 -11.70 2.48
N ASN B 139 -7.20 -12.03 3.56
CA ASN B 139 -7.90 -11.07 4.39
C ASN B 139 -6.92 -10.59 5.48
N ILE B 140 -6.45 -9.37 5.30
CA ILE B 140 -5.41 -8.81 6.25
C ILE B 140 -5.71 -7.37 6.54
N PRO B 141 -6.80 -7.16 7.29
CA PRO B 141 -7.24 -5.75 7.45
C PRO B 141 -6.20 -4.81 8.08
N VAL B 142 -5.28 -5.32 8.89
CA VAL B 142 -4.26 -4.48 9.53
C VAL B 142 -3.33 -3.87 8.51
N SER B 143 -3.18 -4.52 7.35
CA SER B 143 -2.35 -3.99 6.30
C SER B 143 -3.07 -3.31 5.19
N VAL B 144 -4.25 -3.80 4.79
CA VAL B 144 -4.94 -3.21 3.68
C VAL B 144 -6.08 -2.24 4.06
N HIS B 145 -6.55 -2.37 5.28
CA HIS B 145 -7.60 -1.53 5.86
C HIS B 145 -8.95 -1.64 5.14
N SER B 146 -9.25 -2.85 4.68
CA SER B 146 -10.55 -3.26 4.21
C SER B 146 -10.71 -4.67 4.81
N ASN B 147 -11.93 -5.04 5.13
CA ASN B 147 -12.25 -6.42 5.57
C ASN B 147 -12.93 -7.06 4.36
N LEU B 148 -12.51 -8.25 3.97
CA LEU B 148 -13.19 -8.89 2.83
C LEU B 148 -14.56 -9.38 3.24
N ASN B 149 -15.54 -8.96 2.46
CA ASN B 149 -16.94 -9.30 2.78
C ASN B 149 -17.15 -10.80 2.51
N PRO B 150 -17.63 -11.52 3.48
CA PRO B 150 -17.79 -12.99 3.32
C PRO B 150 -18.82 -13.41 2.30
N VAL B 151 -19.87 -12.62 2.15
CA VAL B 151 -20.83 -12.87 1.05
C VAL B 151 -20.18 -12.72 -0.30
N MET B 152 -19.42 -11.66 -0.50
CA MET B 152 -18.61 -11.56 -1.72
C MET B 152 -17.71 -12.73 -1.94
N LEU B 153 -16.94 -13.14 -0.91
CA LEU B 153 -16.07 -14.25 -1.09
C LEU B 153 -16.78 -15.53 -1.54
N LEU B 154 -17.91 -15.83 -0.92
CA LEU B 154 -18.62 -17.05 -1.30
C LEU B 154 -19.27 -16.91 -2.72
N THR B 155 -19.66 -15.72 -3.13
CA THR B 155 -20.15 -15.46 -4.50
C THR B 155 -19.05 -15.77 -5.52
N LEU B 156 -17.86 -15.26 -5.26
CA LEU B 156 -16.73 -15.56 -6.09
C LEU B 156 -16.31 -17.01 -6.10
N ALA B 157 -16.44 -17.72 -4.97
CA ALA B 157 -16.17 -19.13 -4.89
C ALA B 157 -17.14 -19.93 -5.82
N LYS B 158 -18.39 -19.57 -5.69
CA LYS B 158 -19.44 -20.17 -6.55
C LYS B 158 -19.16 -19.92 -8.01
N ASP B 159 -18.60 -18.78 -8.36
CA ASP B 159 -18.32 -18.44 -9.76
C ASP B 159 -17.02 -19.00 -10.24
N GLY B 160 -16.28 -19.67 -9.36
CA GLY B 160 -15.03 -20.26 -9.76
C GLY B 160 -13.86 -19.29 -9.77
N VAL B 161 -14.05 -18.09 -9.25
CA VAL B 161 -13.00 -17.09 -9.28
C VAL B 161 -12.00 -17.26 -8.11
N LEU B 162 -12.54 -17.56 -6.92
CA LEU B 162 -11.67 -17.87 -5.76
C LEU B 162 -11.71 -19.34 -5.40
N ALA B 163 -10.54 -19.86 -5.09
CA ALA B 163 -10.36 -21.21 -4.58
C ALA B 163 -10.40 -21.29 -3.06
N GLY B 164 -10.23 -20.15 -2.39
CA GLY B 164 -10.12 -20.10 -0.95
C GLY B 164 -9.77 -18.74 -0.40
N THR B 165 -9.50 -18.72 0.90
CA THR B 165 -9.09 -17.50 1.56
C THR B 165 -8.09 -17.85 2.64
N LYS B 166 -7.12 -16.96 2.85
CA LYS B 166 -6.17 -17.00 3.96
CA LYS B 166 -6.18 -16.97 4.01
C LYS B 166 -6.61 -15.82 4.84
N ASP B 167 -7.10 -16.11 6.04
CA ASP B 167 -7.66 -15.12 6.91
C ASP B 167 -6.80 -14.76 8.08
N SER B 168 -6.22 -13.57 8.01
CA SER B 168 -5.37 -13.05 9.07
C SER B 168 -6.04 -11.90 9.76
N SER B 169 -7.37 -11.92 9.87
CA SER B 169 -8.06 -10.85 10.61
C SER B 169 -7.82 -10.94 12.11
N GLY B 170 -7.55 -12.14 12.59
CA GLY B 170 -7.43 -12.36 14.01
C GLY B 170 -8.77 -12.48 14.68
N ASN B 171 -9.82 -12.58 13.85
CA ASN B 171 -11.16 -12.68 14.36
C ASN B 171 -11.74 -14.11 14.20
N ASP B 172 -11.54 -14.92 15.21
CA ASP B 172 -11.90 -16.32 15.14
C ASP B 172 -13.40 -16.53 14.95
N GLY B 173 -14.20 -15.69 15.64
CA GLY B 173 -15.63 -15.77 15.46
C GLY B 173 -16.09 -15.53 14.01
N ALA B 174 -15.44 -14.56 13.36
CA ALA B 174 -15.78 -14.23 11.98
C ALA B 174 -15.33 -15.34 11.02
N ILE B 175 -14.18 -15.94 11.26
CA ILE B 175 -13.67 -17.03 10.44
C ILE B 175 -14.65 -18.23 10.61
N ARG B 176 -15.09 -18.45 11.85
CA ARG B 176 -16.02 -19.56 12.09
C ARG B 176 -17.34 -19.35 11.33
N SER B 177 -17.82 -18.13 11.33
CA SER B 177 -19.10 -17.79 10.66
C SER B 177 -18.96 -18.00 9.16
N LEU B 178 -17.76 -17.72 8.63
CA LEU B 178 -17.51 -17.89 7.21
C LEU B 178 -17.53 -19.37 6.85
N ILE B 179 -16.89 -20.21 7.70
CA ILE B 179 -16.87 -21.65 7.49
C ILE B 179 -18.30 -22.19 7.48
N GLU B 180 -19.03 -21.78 8.48
CA GLU B 180 -20.47 -22.23 8.62
C GLU B 180 -21.31 -21.82 7.43
N ALA B 181 -21.14 -20.59 6.96
CA ALA B 181 -21.83 -20.12 5.78
C ALA B 181 -21.44 -20.86 4.55
N ARG B 182 -20.14 -21.09 4.40
CA ARG B 182 -19.66 -21.84 3.27
C ARG B 182 -20.30 -23.21 3.25
N ASP B 183 -20.27 -23.84 4.39
CA ASP B 183 -20.80 -25.19 4.48
C ASP B 183 -22.31 -25.22 4.19
N ASP B 184 -23.03 -24.26 4.76
CA ASP B 184 -24.48 -24.19 4.52
C ASP B 184 -24.82 -23.91 3.09
N ALA B 185 -23.91 -23.25 2.36
CA ALA B 185 -24.07 -22.94 0.93
C ALA B 185 -23.60 -24.08 0.00
N GLY B 186 -23.10 -25.19 0.53
CA GLY B 186 -22.59 -26.34 -0.26
C GLY B 186 -21.29 -26.07 -0.98
N LEU B 187 -20.49 -25.15 -0.45
CA LEU B 187 -19.24 -24.79 -1.09
C LEU B 187 -18.01 -25.22 -0.36
N THR B 188 -18.16 -26.29 0.46
CA THR B 188 -17.13 -26.78 1.31
C THR B 188 -15.90 -27.19 0.49
N GLU B 189 -16.12 -27.94 -0.60
CA GLU B 189 -15.02 -28.43 -1.42
C GLU B 189 -14.42 -27.38 -2.31
N GLN B 190 -15.23 -26.41 -2.73
CA GLN B 190 -14.85 -25.40 -3.71
C GLN B 190 -14.01 -24.26 -3.08
N PHE B 191 -14.07 -24.07 -1.76
CA PHE B 191 -13.54 -22.83 -1.14
C PHE B 191 -12.82 -23.23 0.17
N LYS B 192 -11.49 -23.27 0.11
CA LYS B 192 -10.69 -23.64 1.25
C LYS B 192 -10.44 -22.44 2.14
N ILE B 193 -10.58 -22.64 3.45
CA ILE B 193 -10.46 -21.56 4.46
C ILE B 193 -9.27 -21.90 5.38
N LEU B 194 -8.21 -21.09 5.25
CA LEU B 194 -7.03 -21.27 5.99
C LEU B 194 -6.88 -20.12 6.95
N THR B 195 -6.54 -20.40 8.20
CA THR B 195 -6.31 -19.35 9.14
C THR B 195 -4.89 -18.88 9.07
N GLY B 196 -4.70 -17.55 9.21
CA GLY B 196 -3.41 -16.96 9.42
C GLY B 196 -2.96 -16.89 10.83
N SER B 197 -3.79 -17.31 11.77
CA SER B 197 -3.44 -17.25 13.16
C SER B 197 -2.28 -18.19 13.53
N GLU B 198 -1.43 -17.71 14.42
CA GLU B 198 -0.37 -18.55 14.94
C GLU B 198 -0.72 -19.23 16.23
N THR B 199 -1.71 -18.69 16.94
CA THR B 199 -1.99 -19.08 18.34
C THR B 199 -3.36 -19.73 18.57
N THR B 200 -4.20 -19.77 17.50
CA THR B 200 -5.58 -20.29 17.58
C THR B 200 -5.87 -21.29 16.46
N VAL B 201 -4.84 -22.06 16.11
CA VAL B 201 -4.97 -23.02 15.05
C VAL B 201 -5.84 -24.18 15.44
N ASP B 202 -5.72 -24.64 16.67
CA ASP B 202 -6.65 -25.65 17.17
C ASP B 202 -8.11 -25.24 17.08
N PHE B 203 -8.40 -23.99 17.42
CA PHE B 203 -9.77 -23.50 17.31
C PHE B 203 -10.24 -23.58 15.82
N ALA B 204 -9.38 -23.11 14.91
CA ALA B 204 -9.72 -23.11 13.49
C ALA B 204 -10.08 -24.55 13.05
N TYR B 205 -9.23 -25.51 13.45
CA TYR B 205 -9.47 -26.87 13.03
C TYR B 205 -10.73 -27.44 13.67
N LEU B 206 -10.96 -27.07 14.91
CA LEU B 206 -12.18 -27.57 15.62
C LEU B 206 -13.40 -27.11 14.83
N ALA B 207 -13.36 -25.88 14.29
CA ALA B 207 -14.47 -25.38 13.53
C ALA B 207 -14.52 -25.83 12.09
N GLY B 208 -13.57 -26.62 11.68
CA GLY B 208 -13.53 -27.21 10.35
C GLY B 208 -12.83 -26.38 9.28
N ALA B 209 -11.87 -25.57 9.70
CA ALA B 209 -10.98 -24.94 8.74
C ALA B 209 -10.15 -26.00 7.98
N ASP B 210 -9.55 -25.59 6.87
CA ASP B 210 -8.79 -26.49 6.00
C ASP B 210 -7.31 -26.46 6.20
N GLY B 211 -6.82 -25.52 7.00
CA GLY B 211 -5.37 -25.46 7.19
C GLY B 211 -4.99 -24.12 7.80
N VAL B 212 -3.71 -23.87 7.79
CA VAL B 212 -3.13 -22.72 8.52
C VAL B 212 -1.94 -22.20 7.76
N VAL B 213 -1.71 -20.89 7.85
CA VAL B 213 -0.58 -20.26 7.25
C VAL B 213 0.11 -19.45 8.37
N PRO B 214 0.98 -20.09 9.20
CA PRO B 214 1.50 -19.44 10.37
C PRO B 214 2.95 -18.97 10.19
N GLY B 215 3.22 -17.68 10.36
CA GLY B 215 4.62 -17.15 10.32
C GLY B 215 5.62 -17.92 11.21
N LEU B 216 5.15 -18.21 12.40
CA LEU B 216 5.92 -19.04 13.36
C LEU B 216 6.25 -20.41 12.86
N GLY B 217 5.51 -20.93 11.88
CA GLY B 217 5.83 -22.17 11.26
C GLY B 217 7.15 -22.17 10.53
N ASN B 218 7.69 -20.97 10.25
CA ASN B 218 9.10 -20.91 9.70
C ASN B 218 10.10 -21.42 10.76
N VAL B 219 9.85 -21.09 11.98
CA VAL B 219 10.76 -21.43 13.13
C VAL B 219 10.52 -22.89 13.52
N ASP B 220 9.24 -23.26 13.70
CA ASP B 220 8.88 -24.57 14.23
C ASP B 220 7.86 -25.29 13.33
N PRO B 221 8.26 -25.72 12.11
CA PRO B 221 7.30 -26.34 11.22
C PRO B 221 6.75 -27.69 11.75
N ALA B 222 7.59 -28.41 12.47
CA ALA B 222 7.12 -29.69 12.98
C ALA B 222 6.06 -29.56 14.05
N ALA B 223 6.12 -28.53 14.86
CA ALA B 223 5.09 -28.28 15.87
C ALA B 223 3.73 -28.06 15.21
N TYR B 224 3.68 -27.22 14.17
CA TYR B 224 2.40 -27.00 13.50
C TYR B 224 1.94 -28.26 12.77
N ALA B 225 2.87 -29.00 12.13
CA ALA B 225 2.50 -30.28 11.51
C ALA B 225 1.91 -31.24 12.53
N ALA B 226 2.53 -31.34 13.70
CA ALA B 226 2.05 -32.20 14.79
C ALA B 226 0.70 -31.75 15.31
N LEU B 227 0.54 -30.43 15.41
CA LEU B 227 -0.70 -29.94 15.85
C LEU B 227 -1.82 -30.26 14.90
N ALA B 228 -1.60 -30.08 13.61
CA ALA B 228 -2.61 -30.35 12.59
C ALA B 228 -3.02 -31.83 12.71
N LYS B 229 -2.00 -32.67 12.85
CA LYS B 229 -2.23 -34.14 12.95
C LYS B 229 -3.11 -34.46 14.15
N LEU B 230 -2.79 -33.93 15.32
CA LEU B 230 -3.59 -34.10 16.52
C LEU B 230 -5.05 -33.70 16.29
N CYS B 231 -5.24 -32.55 15.63
CA CYS B 231 -6.61 -32.09 15.36
C CYS B 231 -7.37 -33.06 14.43
N LEU B 232 -6.69 -33.48 13.38
CA LEU B 232 -7.29 -34.36 12.35
C LEU B 232 -7.56 -35.76 12.97
N ASP B 233 -6.78 -36.15 13.99
CA ASP B 233 -7.04 -37.35 14.77
C ASP B 233 -8.11 -37.15 15.85
N GLY B 234 -8.65 -35.91 16.04
CA GLY B 234 -9.61 -35.69 17.10
C GLY B 234 -9.09 -35.72 18.53
N LYS B 235 -7.78 -35.48 18.70
CA LYS B 235 -7.14 -35.41 19.99
C LYS B 235 -7.07 -33.91 20.38
N TRP B 236 -8.25 -33.38 20.72
CA TRP B 236 -8.38 -31.95 20.90
C TRP B 236 -7.63 -31.43 22.15
N ALA B 237 -7.63 -32.21 23.25
CA ALA B 237 -7.04 -31.74 24.50
C ALA B 237 -5.53 -31.72 24.27
N GLU B 238 -5.01 -32.75 23.58
CA GLU B 238 -3.56 -32.77 23.22
C GLU B 238 -3.17 -31.58 22.30
N ALA B 239 -4.01 -31.37 21.32
CA ALA B 239 -3.82 -30.21 20.40
C ALA B 239 -3.75 -28.94 21.20
N ALA B 240 -4.66 -28.74 22.16
CA ALA B 240 -4.71 -27.48 22.91
C ALA B 240 -3.42 -27.38 23.73
N ALA B 241 -2.94 -28.53 24.23
CA ALA B 241 -1.67 -28.48 24.99
C ALA B 241 -0.49 -28.12 24.14
N LEU B 242 -0.46 -28.64 22.95
CA LEU B 242 0.64 -28.33 22.03
C LEU B 242 0.53 -26.86 21.59
N GLN B 243 -0.68 -26.42 21.27
CA GLN B 243 -0.89 -25.00 20.93
C GLN B 243 -0.38 -24.11 22.04
N LYS B 244 -0.67 -24.43 23.31
CA LYS B 244 -0.17 -23.62 24.40
C LYS B 244 1.39 -23.50 24.37
N ARG B 245 2.06 -24.61 24.13
CA ARG B 245 3.51 -24.63 24.03
C ARG B 245 3.98 -23.71 22.88
N ILE B 246 3.33 -23.84 21.74
CA ILE B 246 3.57 -23.00 20.60
C ILE B 246 3.41 -21.54 20.90
N ASN B 247 2.39 -21.20 21.70
CA ASN B 247 2.07 -19.85 22.02
C ASN B 247 3.12 -19.24 22.96
N HIS B 248 3.84 -20.11 23.70
CA HIS B 248 5.01 -19.68 24.50
C HIS B 248 6.24 -19.47 23.64
N LEU B 249 6.47 -20.32 22.65
CA LEU B 249 7.53 -20.03 21.64
C LEU B 249 7.27 -18.73 20.97
N PHE B 250 5.96 -18.45 20.73
CA PHE B 250 5.51 -17.23 20.02
C PHE B 250 5.96 -16.00 20.81
N HIS B 251 6.30 -16.12 22.10
CA HIS B 251 6.77 -14.92 22.83
C HIS B 251 8.00 -14.28 22.24
N ILE B 252 8.70 -15.00 21.38
CA ILE B 252 9.77 -14.36 20.62
C ILE B 252 9.43 -13.06 19.87
N VAL B 253 8.16 -12.90 19.49
CA VAL B 253 7.73 -11.68 18.80
C VAL B 253 7.51 -10.53 19.74
N PHE B 254 7.47 -10.82 21.03
CA PHE B 254 7.14 -9.76 22.01
C PHE B 254 8.40 -9.28 22.73
N VAL B 255 9.59 -9.74 22.33
CA VAL B 255 10.86 -9.35 22.98
C VAL B 255 11.34 -7.95 22.52
N GLY B 256 11.33 -7.70 21.21
CA GLY B 256 11.74 -6.40 20.71
C GLY B 256 10.95 -5.25 21.32
N ASP B 257 11.67 -4.20 21.73
CA ASP B 257 11.03 -3.04 22.36
C ASP B 257 10.36 -2.13 21.38
N THR B 258 9.03 -2.18 21.34
CA THR B 258 8.27 -1.49 20.35
C THR B 258 8.08 -0.03 20.71
N SER B 259 8.80 0.44 21.73
CA SER B 259 8.88 1.91 21.93
C SER B 259 9.74 2.54 20.88
N HIS B 260 10.59 1.76 20.20
CA HIS B 260 11.42 2.32 19.16
C HIS B 260 11.53 1.44 17.92
N MET B 261 10.53 0.59 17.72
CA MET B 261 10.48 -0.19 16.48
C MET B 261 9.06 -0.64 16.24
N SER B 262 8.78 -0.96 14.99
CA SER B 262 7.46 -1.39 14.62
C SER B 262 7.21 -2.83 15.10
N GLY B 263 5.96 -3.25 15.04
CA GLY B 263 5.66 -4.65 15.23
C GLY B 263 6.30 -5.58 14.23
N SER B 264 6.48 -5.13 12.98
CA SER B 264 7.17 -5.90 12.00
C SER B 264 8.61 -6.16 12.41
N SER B 265 9.32 -5.14 12.86
CA SER B 265 10.69 -5.33 13.30
C SER B 265 10.76 -6.33 14.44
N ALA B 266 9.89 -6.20 15.45
CA ALA B 266 9.96 -7.17 16.58
C ALA B 266 9.56 -8.55 16.18
N GLY B 267 8.50 -8.66 15.41
CA GLY B 267 7.92 -9.96 15.11
C GLY B 267 8.68 -10.72 14.07
N LEU B 268 8.86 -10.13 12.90
CA LEU B 268 9.71 -10.75 11.89
C LEU B 268 11.18 -10.83 12.36
N GLY B 269 11.66 -9.79 13.04
CA GLY B 269 13.00 -9.88 13.63
C GLY B 269 13.14 -11.05 14.61
N GLY B 270 12.13 -11.29 15.44
CA GLY B 270 12.16 -12.41 16.34
C GLY B 270 12.25 -13.71 15.61
N PHE B 271 11.43 -13.89 14.57
CA PHE B 271 11.47 -15.16 13.84
C PHE B 271 12.84 -15.34 13.19
N LYS B 272 13.39 -14.27 12.63
CA LYS B 272 14.68 -14.43 11.89
C LYS B 272 15.85 -14.73 12.85
N THR B 273 15.75 -14.13 14.01
CA THR B 273 16.72 -14.34 15.11
C THR B 273 16.68 -15.78 15.54
N ALA B 274 15.45 -16.30 15.73
CA ALA B 274 15.31 -17.72 16.03
C ALA B 274 15.92 -18.58 14.97
N LEU B 275 15.61 -18.28 13.70
CA LEU B 275 16.14 -19.06 12.59
C LEU B 275 17.69 -19.08 12.51
N ALA B 276 18.29 -17.95 12.77
CA ALA B 276 19.77 -17.85 12.72
C ALA B 276 20.34 -18.60 13.90
N HIS B 277 19.66 -18.55 15.04
CA HIS B 277 20.09 -19.26 16.24
C HIS B 277 20.07 -20.76 16.02
N LEU B 278 19.07 -21.25 15.29
CA LEU B 278 18.92 -22.65 14.97
C LEU B 278 19.86 -23.04 13.83
N GLY B 279 20.59 -22.10 13.23
CA GLY B 279 21.49 -22.44 12.13
C GLY B 279 20.89 -22.62 10.76
N ILE B 280 19.62 -22.23 10.60
CA ILE B 280 18.90 -22.44 9.34
C ILE B 280 19.23 -21.34 8.33
N ILE B 281 19.41 -20.16 8.83
CA ILE B 281 19.82 -19.02 8.01
C ILE B 281 21.04 -18.33 8.60
N GLU B 282 21.76 -17.65 7.74
CA GLU B 282 23.04 -17.04 8.13
C GLU B 282 22.89 -15.86 9.07
N SER B 283 21.92 -14.96 8.80
CA SER B 283 21.81 -13.68 9.50
C SER B 283 20.34 -13.40 9.85
N ASN B 284 20.12 -12.63 10.89
CA ASN B 284 18.76 -12.12 11.21
C ASN B 284 18.51 -10.79 10.55
N ALA B 285 19.26 -10.51 9.50
CA ALA B 285 19.11 -9.20 8.84
C ALA B 285 17.64 -8.99 8.31
N MET B 286 17.20 -7.74 8.38
CA MET B 286 15.84 -7.33 7.97
C MET B 286 15.98 -6.22 6.96
N ALA B 287 15.01 -6.10 6.07
CA ALA B 287 15.01 -5.08 5.09
C ALA B 287 14.80 -3.72 5.73
N VAL B 288 15.45 -2.72 5.17
CA VAL B 288 15.16 -1.28 5.50
C VAL B 288 13.68 -0.97 5.32
N PRO B 289 13.09 -0.16 6.23
CA PRO B 289 13.60 0.50 7.45
C PRO B 289 13.36 -0.22 8.79
N HIS B 290 13.35 -1.56 8.79
CA HIS B 290 13.24 -2.27 10.05
C HIS B 290 14.39 -1.90 10.96
N GLN B 291 14.13 -1.91 12.25
CA GLN B 291 15.16 -1.67 13.27
C GLN B 291 15.80 -2.97 13.71
N SER B 292 17.07 -2.91 14.08
CA SER B 292 17.79 -4.07 14.61
C SER B 292 17.37 -4.41 16.00
N LEU B 293 17.34 -5.69 16.28
CA LEU B 293 17.22 -6.11 17.65
C LEU B 293 18.60 -6.00 18.38
N SER B 294 18.56 -5.66 19.64
CA SER B 294 19.80 -5.62 20.45
C SER B 294 20.33 -7.02 20.76
N ASP B 295 21.62 -7.10 21.11
CA ASP B 295 22.19 -8.39 21.58
C ASP B 295 21.45 -8.88 22.84
N GLU B 296 20.87 -8.02 23.66
CA GLU B 296 20.09 -8.55 24.77
C GLU B 296 18.78 -9.19 24.37
N GLU B 297 18.14 -8.49 23.44
CA GLU B 297 16.88 -8.95 22.87
C GLU B 297 17.14 -10.27 22.21
N THR B 298 18.20 -10.39 21.40
CA THR B 298 18.51 -11.64 20.72
C THR B 298 18.78 -12.72 21.71
N ALA B 299 19.48 -12.41 22.79
CA ALA B 299 19.72 -13.46 23.82
C ALA B 299 18.44 -13.90 24.51
N ARG B 300 17.47 -13.01 24.71
CA ARG B 300 16.24 -13.44 25.29
C ARG B 300 15.44 -14.35 24.29
N ILE B 301 15.51 -14.00 23.01
CA ILE B 301 14.90 -14.84 21.98
C ILE B 301 15.51 -16.21 21.97
N HIS B 302 16.85 -16.31 22.03
CA HIS B 302 17.50 -17.60 22.07
C HIS B 302 17.01 -18.40 23.24
N ALA B 303 16.83 -17.78 24.41
CA ALA B 303 16.36 -18.51 25.60
C ALA B 303 14.96 -19.08 25.43
N ILE B 304 14.08 -18.31 24.80
CA ILE B 304 12.71 -18.76 24.57
C ILE B 304 12.72 -19.94 23.60
N VAL B 305 13.47 -19.82 22.49
CA VAL B 305 13.63 -20.87 21.50
C VAL B 305 14.13 -22.18 22.18
N ASP B 306 15.20 -22.04 22.95
CA ASP B 306 15.72 -23.19 23.68
C ASP B 306 14.70 -23.82 24.61
N GLU B 307 13.86 -23.05 25.29
CA GLU B 307 12.87 -23.64 26.19
C GLU B 307 11.69 -24.25 25.42
N PHE B 308 11.11 -23.53 24.43
CA PHE B 308 9.81 -23.94 23.86
C PHE B 308 9.75 -24.62 22.50
N LEU B 309 10.86 -24.73 21.79
CA LEU B 309 10.84 -25.36 20.47
C LEU B 309 10.39 -26.81 20.59
N TYR B 310 9.65 -27.30 19.60
CA TYR B 310 9.22 -28.69 19.57
C TYR B 310 10.33 -29.60 18.97
#